data_2FCO
#
_entry.id   2FCO
#
_cell.length_a   96.886
_cell.length_b   96.886
_cell.length_c   114.539
_cell.angle_alpha   90.00
_cell.angle_beta   90.00
_cell.angle_gamma   120.00
#
_symmetry.space_group_name_H-M   'P 65'
#
loop_
_entity.id
_entity.type
_entity.pdbx_description
1 polymer 'recombination protein U (penicillin-binding protein related factor A)'
2 non-polymer 'MAGNESIUM ION'
3 non-polymer 1,2-ETHANEDIOL
4 water water
#
_entity_poly.entity_id   1
_entity_poly.type   'polypeptide(L)'
_entity_poly.pdbx_seq_one_letter_code
;MALKYPSGKEYRGNKPNAARRPAADYANRGMTLEDDLNATNEYYRERGIAVIHKKPTPVQIVRVDYPKRSAAVITEAYFR
QASTTDYNGVYRGKYIDFEAKETKNKTAFPLKNFHAHQIRHMEQVVAHGGICFAILRFSLLNETYLLDASHLIAWWNKQE
AGGRKSIPKQEIERHGHSIPLGYQPRIDYISVVDNVYFTR
;
_entity_poly.pdbx_strand_id   A,B
#
# COMPACT_ATOMS: atom_id res chain seq x y z
N GLY A 30 -5.69 -11.12 -21.48
CA GLY A 30 -4.55 -11.03 -20.52
C GLY A 30 -3.86 -12.35 -20.32
N MET A 31 -2.59 -12.42 -20.70
CA MET A 31 -1.80 -13.64 -20.57
C MET A 31 -0.65 -13.42 -19.59
N THR A 32 -0.18 -12.18 -19.51
CA THR A 32 0.93 -11.83 -18.65
C THR A 32 0.65 -12.06 -17.17
N LEU A 33 1.74 -12.09 -16.39
CA LEU A 33 1.64 -12.26 -14.95
C LEU A 33 0.85 -11.08 -14.39
N GLU A 34 1.10 -9.90 -14.95
CA GLU A 34 0.41 -8.69 -14.51
C GLU A 34 -1.10 -8.83 -14.69
N ASP A 35 -1.52 -9.33 -15.84
CA ASP A 35 -2.94 -9.51 -16.11
C ASP A 35 -3.54 -10.52 -15.14
N ASP A 36 -2.83 -11.61 -14.90
CA ASP A 36 -3.31 -12.64 -13.99
C ASP A 36 -3.44 -12.09 -12.58
N LEU A 37 -2.50 -11.25 -12.17
CA LEU A 37 -2.55 -10.66 -10.83
C LEU A 37 -3.69 -9.67 -10.70
N ASN A 38 -4.00 -8.96 -11.79
N ASN A 38 -4.00 -8.96 -11.78
CA ASN A 38 -5.10 -8.00 -11.76
CA ASN A 38 -5.10 -8.00 -11.74
C ASN A 38 -6.40 -8.76 -11.52
C ASN A 38 -6.41 -8.75 -11.53
N ALA A 39 -6.58 -9.85 -12.26
CA ALA A 39 -7.79 -10.66 -12.13
C ALA A 39 -7.87 -11.28 -10.73
N THR A 40 -6.72 -11.72 -10.23
CA THR A 40 -6.65 -12.35 -8.91
C THR A 40 -6.96 -11.36 -7.78
N ASN A 41 -6.33 -10.19 -7.85
CA ASN A 41 -6.56 -9.18 -6.81
C ASN A 41 -7.99 -8.66 -6.81
N GLU A 42 -8.59 -8.55 -7.99
CA GLU A 42 -9.98 -8.09 -8.08
C GLU A 42 -10.86 -9.13 -7.37
N TYR A 43 -10.60 -10.41 -7.66
CA TYR A 43 -11.34 -11.50 -7.03
C TYR A 43 -11.19 -11.46 -5.52
N TYR A 44 -9.96 -11.29 -5.03
CA TYR A 44 -9.74 -11.25 -3.59
C TYR A 44 -10.52 -10.13 -2.92
N ARG A 45 -10.60 -8.97 -3.57
CA ARG A 45 -11.31 -7.84 -3.00
C ARG A 45 -12.82 -8.06 -2.99
N GLU A 46 -13.35 -8.54 -4.11
CA GLU A 46 -14.79 -8.78 -4.23
C GLU A 46 -15.29 -9.91 -3.32
N ARG A 47 -14.43 -10.88 -3.05
CA ARG A 47 -14.78 -12.01 -2.20
C ARG A 47 -14.45 -11.77 -0.74
N GLY A 48 -13.91 -10.60 -0.43
CA GLY A 48 -13.57 -10.28 0.95
C GLY A 48 -12.42 -11.10 1.51
N ILE A 49 -11.44 -11.43 0.67
CA ILE A 49 -10.29 -12.22 1.10
C ILE A 49 -9.09 -11.35 1.46
N ALA A 50 -8.83 -10.33 0.65
CA ALA A 50 -7.71 -9.42 0.89
C ALA A 50 -7.90 -8.17 0.03
N VAL A 51 -7.25 -7.07 0.40
CA VAL A 51 -7.35 -5.85 -0.40
C VAL A 51 -5.96 -5.44 -0.84
N ILE A 52 -5.62 -5.84 -2.06
CA ILE A 52 -4.32 -5.57 -2.64
C ILE A 52 -4.49 -4.92 -4.01
N HIS A 53 -3.64 -3.94 -4.29
CA HIS A 53 -3.69 -3.19 -5.54
C HIS A 53 -2.31 -3.00 -6.15
N LYS A 54 -2.28 -2.85 -7.47
CA LYS A 54 -1.04 -2.58 -8.16
C LYS A 54 -0.99 -1.05 -8.22
N LYS A 55 0.14 -0.49 -7.86
CA LYS A 55 0.28 0.97 -7.89
C LYS A 55 0.41 1.45 -9.33
N PRO A 56 -0.17 2.62 -9.64
CA PRO A 56 -0.09 3.16 -11.00
C PRO A 56 1.38 3.42 -11.34
N THR A 57 1.71 3.38 -12.63
CA THR A 57 3.08 3.62 -13.06
C THR A 57 3.37 5.12 -13.05
N PRO A 58 4.48 5.53 -12.43
CA PRO A 58 4.86 6.94 -12.36
C PRO A 58 4.99 7.58 -13.74
N VAL A 59 4.44 8.78 -13.89
CA VAL A 59 4.50 9.50 -15.16
C VAL A 59 4.77 10.98 -14.92
N ALA A 77 4.91 13.16 -21.15
CA ALA A 77 4.81 11.77 -21.70
C ALA A 77 6.04 10.95 -21.31
N TYR A 78 6.65 11.30 -20.18
CA TYR A 78 7.83 10.59 -19.70
C TYR A 78 7.48 9.62 -18.59
N PHE A 79 7.91 8.36 -18.75
CA PHE A 79 7.65 7.33 -17.75
C PHE A 79 8.74 7.38 -16.67
N ARG A 80 8.32 7.71 -15.45
CA ARG A 80 9.24 7.80 -14.32
C ARG A 80 9.42 6.43 -13.68
N GLN A 81 10.59 6.19 -13.10
CA GLN A 81 10.87 4.91 -12.45
C GLN A 81 10.33 4.97 -11.03
N ALA A 82 9.61 3.91 -10.63
CA ALA A 82 9.02 3.84 -9.30
C ALA A 82 10.07 3.74 -8.20
N SER A 83 9.74 4.25 -7.02
CA SER A 83 10.64 4.22 -5.88
C SER A 83 10.27 3.07 -4.94
N THR A 84 9.20 2.35 -5.28
CA THR A 84 8.76 1.23 -4.47
C THR A 84 8.40 0.06 -5.37
N THR A 85 7.98 -1.04 -4.75
CA THR A 85 7.54 -2.22 -5.47
C THR A 85 6.15 -1.88 -5.98
N ASP A 86 5.65 -2.66 -6.92
CA ASP A 86 4.35 -2.38 -7.53
C ASP A 86 3.08 -2.78 -6.79
N TYR A 87 3.17 -3.75 -5.87
CA TYR A 87 1.95 -4.18 -5.17
C TYR A 87 2.00 -4.11 -3.66
N ASN A 88 0.90 -3.67 -3.05
CA ASN A 88 0.81 -3.68 -1.61
C ASN A 88 -0.64 -3.66 -1.16
N GLY A 89 -0.86 -3.90 0.11
CA GLY A 89 -2.22 -3.93 0.62
C GLY A 89 -2.25 -4.61 1.96
N VAL A 90 -3.42 -5.11 2.34
CA VAL A 90 -3.59 -5.73 3.64
C VAL A 90 -4.30 -7.08 3.58
N TYR A 91 -3.86 -7.97 4.46
CA TYR A 91 -4.43 -9.31 4.59
C TYR A 91 -4.29 -9.71 6.05
N ARG A 92 -5.42 -10.07 6.67
CA ARG A 92 -5.44 -10.48 8.06
C ARG A 92 -4.69 -9.51 8.99
N GLY A 93 -4.90 -8.22 8.76
CA GLY A 93 -4.27 -7.21 9.59
C GLY A 93 -2.79 -6.98 9.40
N LYS A 94 -2.20 -7.59 8.38
CA LYS A 94 -0.77 -7.41 8.12
C LYS A 94 -0.53 -6.71 6.79
N TYR A 95 0.55 -5.93 6.75
CA TYR A 95 0.95 -5.22 5.54
C TYR A 95 1.54 -6.23 4.57
N ILE A 96 1.06 -6.24 3.34
CA ILE A 96 1.55 -7.15 2.30
C ILE A 96 2.18 -6.30 1.21
N ASP A 97 3.34 -6.71 0.71
CA ASP A 97 4.04 -5.93 -0.30
C ASP A 97 4.84 -6.88 -1.18
N PHE A 98 4.71 -6.74 -2.49
CA PHE A 98 5.47 -7.62 -3.37
C PHE A 98 5.70 -7.06 -4.76
N GLU A 99 6.62 -7.70 -5.48
CA GLU A 99 6.92 -7.33 -6.84
C GLU A 99 6.70 -8.62 -7.60
N ALA A 100 6.23 -8.51 -8.84
CA ALA A 100 5.96 -9.70 -9.65
C ALA A 100 6.67 -9.59 -10.98
N LYS A 101 7.47 -10.59 -11.30
CA LYS A 101 8.21 -10.58 -12.55
C LYS A 101 8.16 -11.97 -13.18
N GLU A 102 8.34 -12.03 -14.50
CA GLU A 102 8.31 -13.30 -15.20
C GLU A 102 9.46 -13.37 -16.19
N THR A 103 9.81 -14.60 -16.57
CA THR A 103 10.90 -14.83 -17.50
C THR A 103 10.60 -16.04 -18.38
N LYS A 104 11.21 -16.05 -19.56
CA LYS A 104 11.03 -17.17 -20.48
C LYS A 104 12.17 -18.17 -20.27
N ASN A 105 13.14 -17.78 -19.44
CA ASN A 105 14.27 -18.65 -19.13
C ASN A 105 13.68 -19.86 -18.40
N LYS A 106 14.19 -21.05 -18.66
CA LYS A 106 13.65 -22.23 -18.00
C LYS A 106 14.52 -22.84 -16.91
N THR A 107 15.68 -22.25 -16.65
CA THR A 107 16.56 -22.80 -15.62
C THR A 107 16.98 -21.84 -14.52
N ALA A 108 16.78 -20.54 -14.73
CA ALA A 108 17.16 -19.55 -13.73
C ALA A 108 16.39 -18.25 -13.92
N PHE A 109 16.23 -17.49 -12.84
CA PHE A 109 15.51 -16.22 -12.93
C PHE A 109 16.48 -15.04 -12.94
N PRO A 110 16.51 -14.28 -14.05
CA PRO A 110 17.40 -13.12 -14.19
C PRO A 110 17.09 -12.03 -13.16
N LEU A 111 18.13 -11.59 -12.44
CA LEU A 111 17.96 -10.56 -11.42
C LEU A 111 17.80 -9.17 -12.04
N LYS A 112 18.10 -9.05 -13.33
CA LYS A 112 17.97 -7.76 -14.01
C LYS A 112 16.51 -7.33 -14.05
N ASN A 113 15.61 -8.24 -13.73
CA ASN A 113 14.18 -7.94 -13.72
C ASN A 113 13.82 -7.01 -12.56
N PHE A 114 14.77 -6.82 -11.64
CA PHE A 114 14.56 -5.94 -10.49
C PHE A 114 15.63 -4.86 -10.47
N HIS A 115 15.34 -3.74 -9.82
CA HIS A 115 16.34 -2.69 -9.71
C HIS A 115 16.56 -2.30 -8.25
N ALA A 116 17.70 -1.65 -8.00
CA ALA A 116 18.10 -1.24 -6.67
C ALA A 116 17.04 -0.59 -5.79
N HIS A 117 16.24 0.32 -6.37
CA HIS A 117 15.20 0.99 -5.60
C HIS A 117 14.18 0.02 -5.02
N GLN A 118 13.79 -0.98 -5.81
CA GLN A 118 12.82 -1.96 -5.35
C GLN A 118 13.40 -2.81 -4.22
N ILE A 119 14.66 -3.20 -4.36
CA ILE A 119 15.31 -4.02 -3.35
C ILE A 119 15.42 -3.24 -2.04
N ARG A 120 15.82 -1.97 -2.13
CA ARG A 120 15.94 -1.14 -0.94
C ARG A 120 14.57 -1.00 -0.25
N HIS A 121 13.53 -0.83 -1.06
CA HIS A 121 12.18 -0.69 -0.51
C HIS A 121 11.79 -1.98 0.23
N MET A 122 12.11 -3.13 -0.37
CA MET A 122 11.78 -4.40 0.27
C MET A 122 12.53 -4.51 1.60
N GLU A 123 13.79 -4.07 1.63
CA GLU A 123 14.56 -4.13 2.87
C GLU A 123 13.88 -3.29 3.95
N GLN A 124 13.36 -2.13 3.55
CA GLN A 124 12.66 -1.27 4.50
C GLN A 124 11.37 -1.93 5.00
N VAL A 125 10.59 -2.51 4.08
CA VAL A 125 9.35 -3.17 4.47
C VAL A 125 9.62 -4.30 5.47
N VAL A 126 10.65 -5.10 5.19
CA VAL A 126 11.00 -6.21 6.08
C VAL A 126 11.36 -5.68 7.47
N ALA A 127 12.15 -4.60 7.49
CA ALA A 127 12.57 -4.01 8.77
C ALA A 127 11.38 -3.48 9.57
N HIS A 128 10.33 -3.07 8.88
CA HIS A 128 9.15 -2.54 9.56
C HIS A 128 8.05 -3.56 9.82
N GLY A 129 8.41 -4.84 9.76
CA GLY A 129 7.48 -5.92 10.05
C GLY A 129 6.47 -6.34 9.02
N GLY A 130 6.62 -5.88 7.78
CA GLY A 130 5.66 -6.26 6.77
C GLY A 130 5.99 -7.60 6.13
N ILE A 131 5.01 -8.18 5.46
CA ILE A 131 5.19 -9.44 4.74
C ILE A 131 5.60 -8.97 3.35
N CYS A 132 6.79 -9.35 2.93
CA CYS A 132 7.31 -8.90 1.65
C CYS A 132 7.92 -10.06 0.88
N PHE A 133 7.57 -10.14 -0.40
CA PHE A 133 8.05 -11.24 -1.23
C PHE A 133 8.03 -10.87 -2.70
N ALA A 134 8.52 -11.77 -3.54
CA ALA A 134 8.50 -11.57 -4.97
C ALA A 134 7.70 -12.74 -5.53
N ILE A 135 6.92 -12.48 -6.57
CA ILE A 135 6.19 -13.55 -7.24
C ILE A 135 7.01 -13.73 -8.51
N LEU A 136 7.60 -14.90 -8.66
CA LEU A 136 8.46 -15.19 -9.81
C LEU A 136 7.84 -16.24 -10.70
N ARG A 137 7.62 -15.88 -11.96
CA ARG A 137 7.03 -16.81 -12.90
C ARG A 137 7.93 -17.23 -14.04
N PHE A 138 7.99 -18.54 -14.27
CA PHE A 138 8.75 -19.10 -15.39
C PHE A 138 7.60 -19.40 -16.35
N SER A 139 7.35 -18.46 -17.24
N SER A 139 7.33 -18.46 -17.24
CA SER A 139 6.27 -18.54 -18.22
CA SER A 139 6.23 -18.58 -18.19
C SER A 139 6.21 -19.82 -19.04
C SER A 139 6.20 -19.84 -19.04
N LEU A 140 7.36 -20.26 -19.56
CA LEU A 140 7.41 -21.46 -20.38
C LEU A 140 7.29 -22.77 -19.63
N LEU A 141 7.40 -22.72 -18.31
CA LEU A 141 7.27 -23.92 -17.48
C LEU A 141 5.89 -23.91 -16.83
N ASN A 142 5.20 -22.78 -16.93
CA ASN A 142 3.89 -22.61 -16.31
C ASN A 142 4.06 -22.82 -14.82
N GLU A 143 5.17 -22.31 -14.28
CA GLU A 143 5.47 -22.43 -12.85
C GLU A 143 5.59 -21.04 -12.24
N THR A 144 4.88 -20.82 -11.15
CA THR A 144 4.92 -19.53 -10.45
C THR A 144 5.27 -19.78 -8.98
N TYR A 145 6.22 -19.00 -8.47
CA TYR A 145 6.65 -19.17 -7.08
C TYR A 145 6.60 -17.90 -6.26
N LEU A 146 6.46 -18.08 -4.96
CA LEU A 146 6.51 -16.96 -4.02
C LEU A 146 7.87 -17.13 -3.34
N LEU A 147 8.66 -16.07 -3.32
CA LEU A 147 9.98 -16.11 -2.69
C LEU A 147 10.08 -14.95 -1.71
N ASP A 148 10.34 -15.24 -0.44
CA ASP A 148 10.44 -14.17 0.55
C ASP A 148 11.49 -13.14 0.16
N ALA A 149 11.20 -11.88 0.48
CA ALA A 149 12.12 -10.80 0.14
C ALA A 149 13.53 -11.04 0.69
N SER A 150 13.63 -11.64 1.87
CA SER A 150 14.93 -11.91 2.48
C SER A 150 15.85 -12.64 1.51
N HIS A 151 15.31 -13.61 0.79
CA HIS A 151 16.10 -14.38 -0.16
C HIS A 151 16.45 -13.55 -1.40
N LEU A 152 15.46 -12.84 -1.94
CA LEU A 152 15.70 -12.03 -3.13
C LEU A 152 16.76 -10.97 -2.82
N ILE A 153 16.63 -10.33 -1.66
CA ILE A 153 17.57 -9.29 -1.24
C ILE A 153 18.99 -9.86 -1.17
N ALA A 154 19.13 -11.02 -0.54
CA ALA A 154 20.43 -11.67 -0.39
C ALA A 154 21.06 -11.98 -1.75
N TRP A 155 20.28 -12.55 -2.66
CA TRP A 155 20.78 -12.88 -3.98
C TRP A 155 21.15 -11.64 -4.78
N TRP A 156 20.31 -10.61 -4.69
N TRP A 156 20.31 -10.60 -4.70
CA TRP A 156 20.55 -9.38 -5.42
CA TRP A 156 20.57 -9.37 -5.43
C TRP A 156 21.82 -8.67 -4.94
C TRP A 156 21.85 -8.70 -4.94
N ASN A 157 22.00 -8.61 -3.62
CA ASN A 157 23.18 -7.97 -3.05
C ASN A 157 24.49 -8.70 -3.34
N LYS A 158 24.41 -9.99 -3.62
CA LYS A 158 25.60 -10.78 -3.91
C LYS A 158 26.16 -10.49 -5.30
N GLN A 159 25.35 -9.94 -6.19
CA GLN A 159 25.80 -9.62 -7.53
C GLN A 159 27.01 -8.70 -7.51
N GLU A 160 26.88 -7.56 -6.85
CA GLU A 160 27.96 -6.59 -6.75
C GLU A 160 29.22 -7.19 -6.16
N ALA A 161 29.06 -8.29 -5.42
CA ALA A 161 30.20 -8.97 -4.81
C ALA A 161 30.83 -9.95 -5.79
N GLY A 162 30.21 -10.10 -6.95
CA GLY A 162 30.73 -11.01 -7.96
C GLY A 162 29.82 -12.21 -8.20
N GLY A 163 28.72 -12.27 -7.45
CA GLY A 163 27.79 -13.38 -7.60
C GLY A 163 27.14 -13.40 -8.97
N ARG A 164 26.42 -14.48 -9.27
CA ARG A 164 25.76 -14.61 -10.57
C ARG A 164 24.60 -13.62 -10.69
N LYS A 165 24.26 -13.30 -11.93
CA LYS A 165 23.18 -12.35 -12.21
C LYS A 165 21.81 -13.00 -12.34
N SER A 166 21.68 -14.23 -11.87
CA SER A 166 20.39 -14.92 -11.93
C SER A 166 20.29 -15.94 -10.81
N ILE A 167 19.06 -16.24 -10.42
CA ILE A 167 18.81 -17.21 -9.34
C ILE A 167 18.43 -18.55 -9.96
N PRO A 168 19.19 -19.61 -9.66
CA PRO A 168 18.87 -20.93 -10.22
C PRO A 168 17.46 -21.34 -9.82
N LYS A 169 16.68 -21.86 -10.76
CA LYS A 169 15.32 -22.27 -10.46
C LYS A 169 15.27 -23.24 -9.28
N GLN A 170 16.32 -24.05 -9.15
CA GLN A 170 16.40 -25.03 -8.06
C GLN A 170 16.42 -24.34 -6.70
N GLU A 171 17.08 -23.18 -6.63
CA GLU A 171 17.16 -22.43 -5.38
C GLU A 171 15.80 -21.84 -5.04
N ILE A 172 15.06 -21.42 -6.06
CA ILE A 172 13.75 -20.85 -5.84
C ILE A 172 12.79 -21.92 -5.35
N GLU A 173 12.90 -23.13 -5.90
CA GLU A 173 12.05 -24.22 -5.48
C GLU A 173 12.37 -24.62 -4.05
N ARG A 174 13.65 -24.54 -3.71
CA ARG A 174 14.12 -24.91 -2.37
C ARG A 174 13.71 -23.92 -1.28
N HIS A 175 13.94 -22.63 -1.53
CA HIS A 175 13.64 -21.60 -0.55
C HIS A 175 12.32 -20.88 -0.80
N GLY A 176 11.73 -21.12 -1.96
CA GLY A 176 10.46 -20.48 -2.29
C GLY A 176 9.29 -21.42 -2.12
N HIS A 177 8.13 -21.02 -2.64
CA HIS A 177 6.92 -21.82 -2.52
C HIS A 177 6.10 -21.77 -3.80
N SER A 178 5.72 -22.93 -4.31
N SER A 178 5.71 -22.93 -4.31
CA SER A 178 4.93 -22.98 -5.53
CA SER A 178 4.91 -23.01 -5.52
C SER A 178 3.55 -22.38 -5.25
C SER A 178 3.54 -22.40 -5.25
N ILE A 179 3.02 -21.63 -6.21
CA ILE A 179 1.71 -21.01 -6.07
C ILE A 179 0.68 -21.73 -6.93
N PRO A 180 -0.44 -22.17 -6.32
N PRO A 180 -0.44 -22.16 -6.33
CA PRO A 180 -1.49 -22.87 -7.07
CA PRO A 180 -1.50 -22.86 -7.06
C PRO A 180 -2.15 -21.99 -8.13
C PRO A 180 -2.12 -21.98 -8.14
N LEU A 181 -2.37 -22.57 -9.32
CA LEU A 181 -2.98 -21.85 -10.42
C LEU A 181 -4.38 -22.38 -10.63
N GLY A 182 -5.28 -21.53 -11.13
CA GLY A 182 -6.65 -21.97 -11.36
C GLY A 182 -7.44 -20.98 -12.17
N TYR A 183 -8.75 -21.22 -12.27
CA TYR A 183 -9.61 -20.34 -13.02
C TYR A 183 -9.83 -19.04 -12.24
N GLN A 184 -10.18 -19.19 -10.97
CA GLN A 184 -10.43 -18.03 -10.11
C GLN A 184 -10.32 -18.45 -8.65
N PRO A 185 -9.31 -17.91 -7.93
CA PRO A 185 -8.30 -16.96 -8.41
C PRO A 185 -7.31 -17.62 -9.36
N ARG A 186 -6.77 -16.83 -10.30
CA ARG A 186 -5.81 -17.37 -11.26
C ARG A 186 -4.49 -17.77 -10.59
N ILE A 187 -3.97 -16.88 -9.75
CA ILE A 187 -2.71 -17.12 -9.04
C ILE A 187 -3.03 -16.97 -7.55
N ASP A 188 -3.28 -18.09 -6.88
CA ASP A 188 -3.67 -18.06 -5.46
C ASP A 188 -2.52 -17.89 -4.49
N TYR A 189 -1.84 -16.75 -4.58
CA TYR A 189 -0.69 -16.50 -3.72
C TYR A 189 -1.09 -16.24 -2.27
N ILE A 190 -2.33 -15.84 -2.04
CA ILE A 190 -2.77 -15.60 -0.67
C ILE A 190 -2.84 -16.91 0.11
N SER A 191 -3.13 -18.02 -0.59
CA SER A 191 -3.18 -19.31 0.07
C SER A 191 -1.79 -19.65 0.60
N VAL A 192 -0.77 -19.28 -0.16
CA VAL A 192 0.61 -19.54 0.24
C VAL A 192 0.98 -18.58 1.37
N VAL A 193 0.61 -17.32 1.22
CA VAL A 193 0.90 -16.32 2.25
C VAL A 193 0.31 -16.75 3.59
N ASP A 194 -0.94 -17.22 3.57
CA ASP A 194 -1.58 -17.63 4.80
C ASP A 194 -0.87 -18.81 5.47
N ASN A 195 -0.41 -19.76 4.67
CA ASN A 195 0.27 -20.93 5.21
C ASN A 195 1.72 -20.65 5.65
N VAL A 196 2.37 -19.71 4.99
CA VAL A 196 3.76 -19.39 5.30
C VAL A 196 3.98 -18.32 6.37
N TYR A 197 3.16 -17.28 6.37
CA TYR A 197 3.36 -16.19 7.32
C TYR A 197 2.44 -16.14 8.54
N PHE A 198 1.53 -17.10 8.66
CA PHE A 198 0.62 -17.12 9.80
C PHE A 198 0.65 -18.46 10.50
N THR A 199 0.46 -18.43 11.83
CA THR A 199 0.46 -19.66 12.63
C THR A 199 -0.88 -20.39 12.47
N ARG A 200 -0.81 -21.70 12.27
CA ARG A 200 -2.01 -22.51 12.11
C ARG A 200 -2.87 -22.49 13.37
N ARG B 29 6.80 28.70 1.38
CA ARG B 29 6.88 27.37 0.74
C ARG B 29 6.04 26.34 1.50
N GLY B 30 5.81 25.18 0.89
CA GLY B 30 5.04 24.13 1.53
C GLY B 30 3.88 24.66 2.36
N MET B 31 2.79 25.03 1.69
CA MET B 31 1.62 25.56 2.38
C MET B 31 0.50 24.53 2.46
N THR B 32 0.25 23.86 1.34
CA THR B 32 -0.82 22.87 1.26
C THR B 32 -0.62 21.65 2.15
N LEU B 33 -1.72 20.96 2.40
CA LEU B 33 -1.69 19.76 3.20
C LEU B 33 -0.85 18.71 2.48
N GLU B 34 -0.99 18.66 1.16
CA GLU B 34 -0.23 17.71 0.36
C GLU B 34 1.27 17.94 0.49
N ASP B 35 1.68 19.21 0.44
CA ASP B 35 3.10 19.53 0.59
C ASP B 35 3.58 19.13 1.97
N ASP B 36 2.79 19.44 2.99
CA ASP B 36 3.16 19.09 4.36
C ASP B 36 3.28 17.59 4.55
N LEU B 37 2.40 16.82 3.91
CA LEU B 37 2.45 15.37 4.02
C LEU B 37 3.64 14.80 3.28
N ASN B 38 4.03 15.44 2.19
N ASN B 38 4.03 15.42 2.18
CA ASN B 38 5.19 14.96 1.42
CA ASN B 38 5.19 14.96 1.42
C ASN B 38 6.42 15.09 2.31
C ASN B 38 6.43 15.09 2.30
N ALA B 39 6.57 16.25 2.94
CA ALA B 39 7.70 16.51 3.82
C ALA B 39 7.66 15.56 5.02
N THR B 40 6.46 15.32 5.54
CA THR B 40 6.29 14.46 6.69
C THR B 40 6.63 13.00 6.37
N ASN B 41 6.09 12.48 5.26
CA ASN B 41 6.35 11.10 4.88
C ASN B 41 7.81 10.87 4.54
N GLU B 42 8.46 11.86 3.93
CA GLU B 42 9.87 11.74 3.59
C GLU B 42 10.67 11.63 4.89
N TYR B 43 10.30 12.46 5.86
CA TYR B 43 10.96 12.44 7.17
C TYR B 43 10.79 11.07 7.85
N TYR B 44 9.56 10.57 7.89
CA TYR B 44 9.32 9.27 8.51
C TYR B 44 10.17 8.17 7.85
N ARG B 45 10.29 8.22 6.53
CA ARG B 45 11.08 7.22 5.81
C ARG B 45 12.57 7.37 6.10
N GLU B 46 13.09 8.58 5.92
CA GLU B 46 14.51 8.83 6.13
C GLU B 46 14.99 8.58 7.55
N ARG B 47 14.13 8.80 8.54
CA ARG B 47 14.52 8.61 9.92
C ARG B 47 14.18 7.21 10.46
N GLY B 48 13.69 6.34 9.57
CA GLY B 48 13.37 4.97 9.96
C GLY B 48 12.18 4.77 10.88
N ILE B 49 11.16 5.61 10.73
CA ILE B 49 9.96 5.53 11.56
C ILE B 49 8.80 4.78 10.89
N ALA B 50 8.59 5.04 9.60
CA ALA B 50 7.51 4.39 8.87
C ALA B 50 7.79 4.51 7.38
N VAL B 51 7.20 3.62 6.58
CA VAL B 51 7.42 3.66 5.14
C VAL B 51 6.07 3.87 4.49
N ILE B 52 5.73 5.13 4.30
CA ILE B 52 4.45 5.53 3.73
C ILE B 52 4.71 6.43 2.52
N HIS B 53 3.96 6.17 1.45
CA HIS B 53 4.10 6.91 0.20
C HIS B 53 2.77 7.35 -0.38
N LYS B 54 2.80 8.41 -1.16
CA LYS B 54 1.60 8.88 -1.85
C LYS B 54 1.65 8.09 -3.16
N LYS B 55 0.56 7.43 -3.51
CA LYS B 55 0.52 6.65 -4.74
C LYS B 55 0.62 7.53 -5.97
N PRO B 56 1.30 7.04 -7.03
CA PRO B 56 1.43 7.84 -8.24
C PRO B 56 0.04 8.09 -8.81
N THR B 57 -0.13 9.23 -9.48
CA THR B 57 -1.41 9.57 -10.08
C THR B 57 -1.71 8.65 -11.27
N PRO B 58 -2.91 8.06 -11.32
N PRO B 58 -2.92 8.07 -11.32
CA PRO B 58 -3.29 7.16 -12.40
CA PRO B 58 -3.31 7.17 -12.40
C PRO B 58 -3.35 7.85 -13.77
C PRO B 58 -3.36 7.86 -13.77
N VAL B 59 -2.55 7.36 -14.70
CA VAL B 59 -2.49 7.93 -16.04
C VAL B 59 -3.05 6.92 -17.04
N GLN B 60 -2.45 5.74 -17.07
CA GLN B 60 -2.88 4.67 -17.96
C GLN B 60 -2.80 3.32 -17.27
N PHE B 79 -5.80 12.19 -17.33
CA PHE B 79 -5.80 11.85 -15.89
C PHE B 79 -7.04 11.07 -15.48
N ARG B 80 -6.86 9.81 -15.10
CA ARG B 80 -7.96 8.97 -14.69
C ARG B 80 -8.19 9.08 -13.18
N GLN B 81 -9.38 8.76 -12.72
CA GLN B 81 -9.71 8.83 -11.31
C GLN B 81 -9.32 7.55 -10.58
N ALA B 82 -8.56 7.69 -9.50
CA ALA B 82 -8.11 6.56 -8.71
C ALA B 82 -9.27 5.81 -8.05
N SER B 83 -9.10 4.51 -7.86
CA SER B 83 -10.13 3.68 -7.24
C SER B 83 -9.79 3.41 -5.78
N THR B 84 -8.71 4.02 -5.30
CA THR B 84 -8.30 3.84 -3.90
C THR B 84 -7.92 5.19 -3.35
N THR B 85 -7.58 5.22 -2.07
CA THR B 85 -7.13 6.44 -1.40
C THR B 85 -5.71 6.70 -1.88
N ASP B 86 -5.20 7.91 -1.64
CA ASP B 86 -3.88 8.29 -2.13
C ASP B 86 -2.64 7.87 -1.33
N TYR B 87 -2.79 7.61 -0.04
CA TYR B 87 -1.63 7.25 0.76
C TYR B 87 -1.71 5.89 1.44
N ASN B 88 -0.59 5.18 1.47
CA ASN B 88 -0.55 3.92 2.18
C ASN B 88 0.89 3.49 2.44
N GLY B 89 1.05 2.53 3.34
CA GLY B 89 2.37 2.09 3.67
C GLY B 89 2.35 1.20 4.89
N VAL B 90 3.53 1.03 5.51
CA VAL B 90 3.65 0.16 6.66
C VAL B 90 4.21 0.87 7.91
N TYR B 91 3.66 0.48 9.05
CA TYR B 91 4.11 1.01 10.34
C TYR B 91 3.85 -0.09 11.37
N ARG B 92 4.91 -0.51 12.06
CA ARG B 92 4.81 -1.56 13.07
C ARG B 92 4.08 -2.80 12.53
N GLY B 93 4.42 -3.18 11.30
CA GLY B 93 3.85 -4.35 10.66
C GLY B 93 2.43 -4.22 10.16
N LYS B 94 1.79 -3.11 10.50
CA LYS B 94 0.41 -2.89 10.07
C LYS B 94 0.32 -2.09 8.79
N TYR B 95 -0.81 -2.25 8.10
CA TYR B 95 -1.08 -1.54 6.86
C TYR B 95 -1.74 -0.22 7.22
N ILE B 96 -1.13 0.89 6.81
CA ILE B 96 -1.66 2.23 7.06
C ILE B 96 -2.21 2.74 5.73
N ASP B 97 -3.39 3.35 5.76
CA ASP B 97 -4.02 3.84 4.55
C ASP B 97 -4.83 5.09 4.86
N PHE B 98 -4.62 6.16 4.10
CA PHE B 98 -5.39 7.36 4.35
C PHE B 98 -5.56 8.29 3.17
N GLU B 99 -6.55 9.18 3.28
CA GLU B 99 -6.79 10.18 2.27
C GLU B 99 -6.63 11.49 3.02
N ALA B 100 -6.15 12.53 2.33
CA ALA B 100 -5.94 13.82 2.96
C ALA B 100 -6.62 14.91 2.17
N LYS B 101 -7.45 15.69 2.84
CA LYS B 101 -8.17 16.77 2.18
C LYS B 101 -8.24 18.01 3.07
N GLU B 102 -8.34 19.17 2.45
CA GLU B 102 -8.43 20.41 3.21
C GLU B 102 -9.55 21.28 2.67
N THR B 103 -10.02 22.19 3.51
CA THR B 103 -11.11 23.09 3.14
C THR B 103 -10.92 24.48 3.75
N LYS B 104 -11.51 25.48 3.12
CA LYS B 104 -11.44 26.84 3.63
C LYS B 104 -12.65 27.08 4.52
N ASN B 105 -13.59 26.14 4.51
CA ASN B 105 -14.79 26.22 5.33
C ASN B 105 -14.33 26.22 6.79
N LYS B 106 -14.96 27.03 7.63
CA LYS B 106 -14.55 27.09 9.02
C LYS B 106 -15.43 26.33 10.01
N THR B 107 -16.58 25.83 9.55
CA THR B 107 -17.48 25.14 10.46
C THR B 107 -17.91 23.73 10.05
N ALA B 108 -17.53 23.30 8.86
CA ALA B 108 -17.90 21.96 8.40
C ALA B 108 -16.96 21.50 7.30
N PHE B 109 -16.81 20.19 7.15
CA PHE B 109 -15.95 19.66 6.11
C PHE B 109 -16.79 19.06 4.99
N PRO B 110 -16.74 19.67 3.79
CA PRO B 110 -17.50 19.18 2.63
C PRO B 110 -17.17 17.76 2.20
N LEU B 111 -18.20 16.95 2.00
CA LEU B 111 -17.98 15.57 1.58
C LEU B 111 -17.70 15.43 0.09
N LYS B 112 -17.88 16.52 -0.66
CA LYS B 112 -17.63 16.49 -2.10
C LYS B 112 -16.14 16.27 -2.37
N ASN B 113 -15.33 16.43 -1.31
CA ASN B 113 -13.89 16.24 -1.41
C ASN B 113 -13.55 14.77 -1.56
N PHE B 114 -14.54 13.90 -1.40
CA PHE B 114 -14.35 12.46 -1.52
C PHE B 114 -15.31 11.86 -2.54
N HIS B 115 -14.97 10.70 -3.08
CA HIS B 115 -15.87 10.03 -4.01
C HIS B 115 -16.11 8.59 -3.59
N ALA B 116 -17.21 8.02 -4.09
CA ALA B 116 -17.64 6.67 -3.77
C ALA B 116 -16.58 5.59 -3.77
N HIS B 117 -15.72 5.57 -4.78
CA HIS B 117 -14.69 4.55 -4.86
C HIS B 117 -13.71 4.61 -3.69
N GLN B 118 -13.38 5.81 -3.23
CA GLN B 118 -12.45 5.95 -2.10
C GLN B 118 -13.11 5.39 -0.85
N ILE B 119 -14.39 5.71 -0.66
CA ILE B 119 -15.12 5.23 0.51
C ILE B 119 -15.24 3.71 0.50
N ARG B 120 -15.53 3.13 -0.66
CA ARG B 120 -15.66 1.69 -0.76
C ARG B 120 -14.32 1.04 -0.42
N HIS B 121 -13.24 1.64 -0.90
CA HIS B 121 -11.89 1.13 -0.63
C HIS B 121 -11.63 1.17 0.88
N MET B 122 -11.97 2.27 1.52
CA MET B 122 -11.75 2.41 2.96
C MET B 122 -12.54 1.35 3.73
N GLU B 123 -13.75 1.07 3.26
CA GLU B 123 -14.59 0.06 3.89
C GLU B 123 -13.86 -1.29 3.87
N GLN B 124 -13.28 -1.62 2.71
CA GLN B 124 -12.56 -2.88 2.56
C GLN B 124 -11.31 -2.92 3.46
N VAL B 125 -10.56 -1.83 3.48
CA VAL B 125 -9.35 -1.79 4.32
C VAL B 125 -9.70 -2.02 5.78
N VAL B 126 -10.76 -1.36 6.25
CA VAL B 126 -11.18 -1.52 7.64
C VAL B 126 -11.56 -2.98 7.93
N ALA B 127 -12.31 -3.59 7.02
CA ALA B 127 -12.75 -4.98 7.19
C ALA B 127 -11.60 -5.96 7.28
N HIS B 128 -10.46 -5.62 6.67
CA HIS B 128 -9.30 -6.52 6.68
C HIS B 128 -8.24 -6.22 7.73
N GLY B 129 -8.58 -5.36 8.70
CA GLY B 129 -7.64 -5.07 9.76
C GLY B 129 -6.63 -3.97 9.51
N GLY B 130 -6.85 -3.17 8.47
CA GLY B 130 -5.92 -2.09 8.21
C GLY B 130 -6.26 -0.88 9.07
N ILE B 131 -5.29 0.02 9.24
CA ILE B 131 -5.50 1.25 10.00
C ILE B 131 -5.80 2.24 8.89
N CYS B 132 -7.04 2.73 8.87
CA CYS B 132 -7.49 3.61 7.80
C CYS B 132 -8.16 4.86 8.37
N PHE B 133 -7.78 6.02 7.84
CA PHE B 133 -8.33 7.28 8.33
C PHE B 133 -8.22 8.37 7.28
N ALA B 134 -8.78 9.52 7.62
CA ALA B 134 -8.69 10.69 6.76
C ALA B 134 -7.98 11.76 7.55
N ILE B 135 -7.13 12.53 6.89
CA ILE B 135 -6.46 13.65 7.53
C ILE B 135 -7.23 14.83 6.95
N LEU B 136 -7.91 15.55 7.82
CA LEU B 136 -8.76 16.67 7.41
C LEU B 136 -8.24 17.98 7.96
N ARG B 137 -8.01 18.94 7.08
CA ARG B 137 -7.50 20.22 7.51
C ARG B 137 -8.45 21.38 7.21
N PHE B 138 -8.60 22.25 8.19
CA PHE B 138 -9.40 23.46 8.05
C PHE B 138 -8.27 24.49 7.90
N SER B 139 -7.92 24.77 6.65
N SER B 139 -7.90 24.77 6.66
CA SER B 139 -6.84 25.69 6.30
CA SER B 139 -6.79 25.68 6.35
C SER B 139 -6.84 27.04 7.00
C SER B 139 -6.83 27.05 7.02
N LEU B 140 -7.98 27.71 6.98
CA LEU B 140 -8.09 29.04 7.59
C LEU B 140 -7.98 29.05 9.11
N LEU B 141 -8.00 27.87 9.71
CA LEU B 141 -7.91 27.76 11.16
C LEU B 141 -6.58 27.11 11.57
N ASN B 142 -5.84 26.61 10.59
CA ASN B 142 -4.58 25.94 10.84
C ASN B 142 -4.79 24.77 11.79
N GLU B 143 -5.91 24.07 11.60
CA GLU B 143 -6.25 22.91 12.41
C GLU B 143 -6.30 21.69 11.52
N THR B 144 -5.58 20.64 11.91
CA THR B 144 -5.54 19.40 11.14
C THR B 144 -5.95 18.25 12.05
N TYR B 145 -6.85 17.39 11.56
CA TYR B 145 -7.35 16.26 12.36
C TYR B 145 -7.22 14.92 11.67
N LEU B 146 -7.13 13.87 12.49
CA LEU B 146 -7.11 12.51 11.99
C LEU B 146 -8.50 11.98 12.37
N LEU B 147 -9.23 11.47 11.40
CA LEU B 147 -10.56 10.93 11.64
C LEU B 147 -10.61 9.49 11.13
N ASP B 148 -10.90 8.54 12.02
CA ASP B 148 -10.95 7.15 11.58
C ASP B 148 -11.91 6.96 10.41
N ALA B 149 -11.56 6.07 9.50
CA ALA B 149 -12.38 5.80 8.33
C ALA B 149 -13.83 5.45 8.69
N SER B 150 -14.04 4.75 9.79
CA SER B 150 -15.38 4.37 10.19
C SER B 150 -16.32 5.57 10.26
N HIS B 151 -15.82 6.69 10.78
CA HIS B 151 -16.64 7.89 10.89
C HIS B 151 -16.88 8.55 9.54
N LEU B 152 -15.85 8.60 8.70
CA LEU B 152 -16.00 9.20 7.39
C LEU B 152 -16.97 8.35 6.55
N ILE B 153 -16.84 7.04 6.64
CA ILE B 153 -17.72 6.13 5.92
C ILE B 153 -19.16 6.33 6.36
N ALA B 154 -19.38 6.46 7.66
CA ALA B 154 -20.73 6.66 8.18
C ALA B 154 -21.34 7.95 7.65
N TRP B 155 -20.57 9.03 7.68
CA TRP B 155 -21.06 10.30 7.18
C TRP B 155 -21.31 10.26 5.69
N TRP B 156 -20.43 9.59 4.95
CA TRP B 156 -20.64 9.47 3.52
C TRP B 156 -21.96 8.76 3.27
N ASN B 157 -22.21 7.69 4.02
CA ASN B 157 -23.44 6.91 3.88
C ASN B 157 -24.67 7.72 4.29
N LYS B 158 -24.55 8.48 5.37
CA LYS B 158 -25.67 9.29 5.84
C LYS B 158 -26.04 10.29 4.73
N GLN B 159 -25.00 10.86 4.11
CA GLN B 159 -25.21 11.81 3.03
C GLN B 159 -25.99 11.14 1.92
N GLU B 160 -25.60 9.92 1.59
CA GLU B 160 -26.25 9.16 0.53
C GLU B 160 -27.69 8.84 0.91
N ALA B 161 -27.96 8.75 2.21
CA ALA B 161 -29.30 8.44 2.69
C ALA B 161 -30.19 9.69 2.79
N GLY B 162 -29.63 10.85 2.44
CA GLY B 162 -30.42 12.08 2.49
C GLY B 162 -29.93 13.10 3.52
N GLY B 163 -28.85 12.77 4.21
CA GLY B 163 -28.31 13.65 5.23
C GLY B 163 -27.50 14.82 4.69
N ARG B 164 -26.95 15.64 5.58
CA ARG B 164 -26.18 16.79 5.11
C ARG B 164 -24.95 16.38 4.34
N LYS B 165 -24.49 17.26 3.46
CA LYS B 165 -23.35 16.98 2.60
C LYS B 165 -22.01 17.47 3.11
N SER B 166 -21.93 17.74 4.40
CA SER B 166 -20.70 18.18 5.03
C SER B 166 -20.71 17.70 6.48
N ILE B 167 -19.53 17.41 7.01
CA ILE B 167 -19.42 16.94 8.38
C ILE B 167 -19.23 18.14 9.30
N PRO B 168 -20.13 18.34 10.27
CA PRO B 168 -19.98 19.49 11.18
C PRO B 168 -18.61 19.40 11.86
N LYS B 169 -17.93 20.53 12.01
CA LYS B 169 -16.62 20.51 12.63
C LYS B 169 -16.65 19.94 14.04
N GLN B 170 -17.74 20.16 14.78
CA GLN B 170 -17.82 19.62 16.13
C GLN B 170 -17.78 18.09 16.11
N GLU B 171 -18.29 17.48 15.05
CA GLU B 171 -18.29 16.04 14.92
C GLU B 171 -16.86 15.55 14.72
N ILE B 172 -16.07 16.34 14.01
CA ILE B 172 -14.69 15.99 13.75
C ILE B 172 -13.86 16.16 15.03
N GLU B 173 -14.17 17.20 15.79
CA GLU B 173 -13.47 17.44 17.06
C GLU B 173 -13.84 16.33 18.04
N ARG B 174 -15.10 15.92 18.01
CA ARG B 174 -15.59 14.87 18.90
C ARG B 174 -14.98 13.50 18.62
N HIS B 175 -15.13 13.04 17.38
CA HIS B 175 -14.64 11.72 17.00
C HIS B 175 -13.22 11.67 16.49
N GLY B 176 -12.70 12.81 16.03
CA GLY B 176 -11.35 12.86 15.48
C GLY B 176 -10.30 13.23 16.50
N HIS B 177 -9.05 13.27 16.03
CA HIS B 177 -7.91 13.59 16.88
C HIS B 177 -7.08 14.73 16.30
N SER B 178 -6.83 15.76 17.10
N SER B 178 -6.84 15.76 17.10
CA SER B 178 -6.03 16.88 16.66
CA SER B 178 -6.04 16.87 16.63
C SER B 178 -4.60 16.36 16.42
C SER B 178 -4.62 16.35 16.41
N ILE B 179 -4.02 16.72 15.29
CA ILE B 179 -2.66 16.28 14.97
C ILE B 179 -1.63 17.36 15.28
N PRO B 180 -0.59 17.03 16.05
CA PRO B 180 0.45 18.00 16.41
C PRO B 180 1.19 18.51 15.18
N LEU B 181 1.40 19.82 15.11
CA LEU B 181 2.12 20.43 14.01
C LEU B 181 3.49 20.81 14.52
N GLY B 182 4.47 20.79 13.63
CA GLY B 182 5.81 21.15 14.05
C GLY B 182 6.74 21.40 12.89
N TYR B 183 8.02 21.56 13.22
CA TYR B 183 9.01 21.79 12.19
C TYR B 183 9.29 20.51 11.43
N GLN B 184 9.54 19.44 12.17
CA GLN B 184 9.84 18.15 11.56
C GLN B 184 9.57 17.03 12.57
N PRO B 185 8.58 16.16 12.26
CA PRO B 185 7.74 16.19 11.07
C PRO B 185 6.73 17.33 11.14
N ARG B 186 6.30 17.82 9.99
CA ARG B 186 5.33 18.92 9.98
C ARG B 186 3.97 18.54 10.56
N ILE B 187 3.48 17.36 10.16
CA ILE B 187 2.18 16.86 10.61
C ILE B 187 2.48 15.50 11.25
N ASP B 188 2.60 15.47 12.56
CA ASP B 188 2.94 14.22 13.25
C ASP B 188 1.77 13.27 13.46
N TYR B 189 1.21 12.78 12.35
CA TYR B 189 0.08 11.88 12.45
C TYR B 189 0.45 10.51 13.01
N ILE B 190 1.72 10.12 12.90
CA ILE B 190 2.14 8.83 13.44
C ILE B 190 2.06 8.84 14.96
N SER B 191 2.31 9.99 15.58
CA SER B 191 2.23 10.10 17.02
C SER B 191 0.79 9.78 17.44
N VAL B 192 -0.17 10.23 16.64
CA VAL B 192 -1.57 9.98 16.92
C VAL B 192 -1.89 8.51 16.68
N VAL B 193 -1.43 7.99 15.55
CA VAL B 193 -1.66 6.60 15.20
C VAL B 193 -1.15 5.67 16.31
N ASP B 194 0.02 5.99 16.84
CA ASP B 194 0.60 5.18 17.92
C ASP B 194 -0.34 5.03 19.10
N ASN B 195 -0.80 6.17 19.61
CA ASN B 195 -1.68 6.21 20.78
C ASN B 195 -3.10 5.70 20.54
N VAL B 196 -3.60 5.85 19.33
CA VAL B 196 -4.96 5.43 19.03
C VAL B 196 -5.14 3.98 18.60
N TYR B 197 -4.23 3.48 17.77
CA TYR B 197 -4.35 2.13 17.24
C TYR B 197 -3.43 1.06 17.81
N PHE B 198 -2.53 1.44 18.71
CA PHE B 198 -1.60 0.46 19.28
C PHE B 198 -1.60 0.40 20.80
N THR B 199 -1.12 -0.72 21.32
CA THR B 199 -1.04 -0.96 22.76
C THR B 199 0.19 -0.25 23.33
N ARG B 200 -0.03 0.95 23.88
CA ARG B 200 1.04 1.74 24.45
C ARG B 200 1.80 0.99 25.54
#